data_4AMK
#
_entry.id   4AMK
#
_cell.length_a   55.800
_cell.length_b   62.750
_cell.length_c   113.500
_cell.angle_alpha   90.00
_cell.angle_beta   91.65
_cell.angle_gamma   90.00
#
_symmetry.space_group_name_H-M   'C 1 2 1'
#
loop_
_entity.id
_entity.type
_entity.pdbx_description
1 polymer 'FAB13G10, HEAVY CHAIN'
2 polymer 'FAB13G10, LIGHT CHAIN'
3 non-polymer GLYCEROL
4 non-polymer 'MAGNESIUM ION'
5 water water
#
loop_
_entity_poly.entity_id
_entity_poly.type
_entity_poly.pdbx_seq_one_letter_code
_entity_poly.pdbx_strand_id
1 'polypeptide(L)'
;LVQLQQPGAELVKPGASVKMSCKASGYTFTSYNMHWVKQTPGQGLEWIGVIYPGNGDTSYSQKFKGKATLTADKSSSTAY
MQLSSLTSEDSAVYYCSRGGAGIMAYWGQGTSVTVSSAKTTPPSVYPLAPGSAAQTNSMVTLGCLVKGYFPEPVTVTWNS
GSLSSGVHTFPAVLQSDLYTLSSSVTVPSSTWPSETVTCNVAHPASSTKVDKKIVPR
;
H
2 'polypeptide(L)'
;QAVVTQESALTTSPGETVTLTCRSSTGAVTTSNYANWVQEKPDHLFTGLIGGTNNRAPGVPARFSGSLIGDKAALTITGA
QTEDEAIYFCALWYSNHLVFGGGTKLTVLGQPKSSPSVTLFPPSSEELETNKATLVCTITDFYPGVVTVDWKVDGTPVTQ
GMETTQPSKQSNNKYMASSYLTLTARAWERHSSYSCQVTHEGHTVEKSLSRA
;
L
#
loop_
_chem_comp.id
_chem_comp.type
_chem_comp.name
_chem_comp.formula
GOL non-polymer GLYCEROL 'C3 H8 O3'
MG non-polymer 'MAGNESIUM ION' 'Mg 2'
#
# COMPACT_ATOMS: atom_id res chain seq x y z
N GLN A 3 -5.55 -15.64 -17.55
CA GLN A 3 -6.14 -16.48 -16.47
C GLN A 3 -6.97 -15.76 -15.42
N LEU A 4 -6.47 -14.73 -14.75
CA LEU A 4 -7.35 -14.14 -13.74
C LEU A 4 -7.59 -12.64 -13.79
N GLN A 5 -8.77 -12.29 -14.32
CA GLN A 5 -9.19 -10.90 -14.46
C GLN A 5 -10.33 -10.56 -13.49
N GLN A 6 -10.06 -9.62 -12.57
CA GLN A 6 -11.05 -9.17 -11.61
C GLN A 6 -11.24 -7.66 -11.77
N PRO A 7 -12.47 -7.18 -11.58
CA PRO A 7 -12.69 -5.74 -11.69
C PRO A 7 -11.77 -5.13 -10.62
N GLY A 8 -11.25 -3.92 -10.87
CA GLY A 8 -10.33 -3.32 -9.92
C GLY A 8 -10.87 -2.69 -8.64
N ALA A 9 -12.10 -2.20 -8.67
CA ALA A 9 -12.68 -1.53 -7.51
C ALA A 9 -14.20 -1.53 -7.53
N GLU A 10 -14.78 -1.47 -6.35
CA GLU A 10 -16.24 -1.42 -6.21
C GLU A 10 -16.55 -0.49 -5.06
N LEU A 11 -17.44 0.46 -5.29
CA LEU A 11 -17.87 1.38 -4.24
C LEU A 11 -19.20 0.81 -3.77
N VAL A 12 -19.31 0.50 -2.49
CA VAL A 12 -20.51 -0.10 -1.91
C VAL A 12 -20.96 0.64 -0.64
N LYS A 13 -22.25 0.96 -0.55
CA LYS A 13 -22.77 1.65 0.63
C LYS A 13 -22.90 0.65 1.76
N PRO A 14 -22.72 1.11 3.01
CA PRO A 14 -22.83 0.21 4.17
C PRO A 14 -24.20 -0.47 4.20
N GLY A 15 -24.20 -1.78 4.42
CA GLY A 15 -25.43 -2.53 4.47
C GLY A 15 -25.76 -3.24 3.16
N ALA A 16 -25.23 -2.73 2.05
CA ALA A 16 -25.49 -3.33 0.76
C ALA A 16 -24.71 -4.62 0.58
N SER A 17 -24.87 -5.23 -0.60
CA SER A 17 -24.17 -6.45 -0.92
C SER A 17 -23.33 -6.19 -2.16
N VAL A 18 -22.27 -6.97 -2.34
CA VAL A 18 -21.43 -6.82 -3.53
C VAL A 18 -21.10 -8.20 -4.09
N LYS A 19 -21.03 -8.27 -5.42
CA LYS A 19 -20.68 -9.50 -6.11
C LYS A 19 -19.58 -9.16 -7.11
N MET A 20 -18.42 -9.81 -6.97
CA MET A 20 -17.30 -9.57 -7.85
C MET A 20 -16.96 -10.81 -8.64
N SER A 21 -16.35 -10.62 -9.81
CA SER A 21 -16.00 -11.76 -10.66
C SER A 21 -14.49 -12.01 -10.75
N CYS A 22 -14.14 -13.15 -11.33
CA CYS A 22 -12.75 -13.56 -11.54
C CYS A 22 -12.77 -14.44 -12.77
N LYS A 23 -12.43 -13.83 -13.90
CA LYS A 23 -12.43 -14.52 -15.18
C LYS A 23 -11.12 -15.25 -15.35
N ALA A 24 -11.22 -16.49 -15.83
CA ALA A 24 -10.05 -17.33 -16.03
C ALA A 24 -9.72 -17.46 -17.50
N SER A 25 -8.45 -17.72 -17.80
CA SER A 25 -8.01 -17.88 -19.18
C SER A 25 -6.73 -18.71 -19.21
N GLY A 26 -6.41 -19.22 -20.39
CA GLY A 26 -5.20 -20.01 -20.53
C GLY A 26 -5.22 -21.41 -19.94
N TYR A 27 -6.38 -21.86 -19.47
CA TYR A 27 -6.47 -23.21 -18.90
C TYR A 27 -7.92 -23.71 -18.78
N THR A 28 -8.04 -24.99 -18.44
CA THR A 28 -9.36 -25.59 -18.26
C THR A 28 -9.84 -25.18 -16.87
N PHE A 29 -10.78 -24.24 -16.85
CA PHE A 29 -11.36 -23.71 -15.62
C PHE A 29 -11.90 -24.79 -14.70
N THR A 30 -12.44 -25.84 -15.30
CA THR A 30 -13.02 -26.97 -14.59
C THR A 30 -12.01 -27.93 -13.94
N SER A 31 -10.74 -27.77 -14.27
CA SER A 31 -9.71 -28.67 -13.73
C SER A 31 -8.86 -28.13 -12.57
N TYR A 32 -9.24 -27.02 -11.98
CA TYR A 32 -8.49 -26.45 -10.85
C TYR A 32 -9.40 -25.75 -9.87
N ASN A 33 -8.95 -25.61 -8.64
CA ASN A 33 -9.71 -24.90 -7.61
C ASN A 33 -9.52 -23.40 -7.76
N MET A 34 -10.38 -22.67 -7.07
CA MET A 34 -10.32 -21.21 -7.04
C MET A 34 -10.50 -20.84 -5.57
N HIS A 35 -9.51 -20.15 -5.03
CA HIS A 35 -9.52 -19.70 -3.65
C HIS A 35 -9.79 -18.20 -3.68
N TRP A 36 -10.24 -17.66 -2.54
CA TRP A 36 -10.50 -16.24 -2.40
C TRP A 36 -9.84 -15.77 -1.13
N VAL A 37 -9.15 -14.64 -1.23
CA VAL A 37 -8.43 -14.06 -0.11
C VAL A 37 -8.71 -12.57 0.08
N LYS A 38 -8.83 -12.16 1.35
CA LYS A 38 -9.08 -10.76 1.70
C LYS A 38 -7.79 -10.15 2.26
N GLN A 39 -7.49 -8.92 1.85
N GLN A 39 -7.49 -8.92 1.85
CA GLN A 39 -6.30 -8.22 2.32
CA GLN A 39 -6.29 -8.23 2.32
C GLN A 39 -6.62 -6.86 2.95
C GLN A 39 -6.58 -6.86 2.94
N THR A 40 -6.15 -6.68 4.18
CA THR A 40 -6.32 -5.43 4.92
C THR A 40 -5.06 -5.26 5.77
N PRO A 41 -4.69 -4.02 6.12
CA PRO A 41 -3.48 -3.81 6.93
C PRO A 41 -3.54 -4.38 8.36
N GLY A 42 -4.72 -4.34 8.97
CA GLY A 42 -4.87 -4.82 10.33
C GLY A 42 -5.15 -6.30 10.53
N GLN A 43 -5.18 -7.07 9.45
CA GLN A 43 -5.43 -8.50 9.53
C GLN A 43 -4.67 -9.25 8.44
N GLY A 44 -3.81 -8.51 7.73
CA GLY A 44 -3.02 -9.09 6.66
C GLY A 44 -3.88 -9.85 5.66
N LEU A 45 -3.40 -11.01 5.22
CA LEU A 45 -4.13 -11.84 4.30
C LEU A 45 -4.95 -12.86 5.07
N GLU A 46 -6.23 -13.00 4.72
CA GLU A 46 -7.12 -13.95 5.39
C GLU A 46 -7.84 -14.81 4.35
N TRP A 47 -7.76 -16.12 4.52
CA TRP A 47 -8.42 -17.05 3.59
C TRP A 47 -9.93 -16.95 3.80
N ILE A 48 -10.68 -16.87 2.71
CA ILE A 48 -12.14 -16.79 2.78
C ILE A 48 -12.73 -18.18 2.53
N GLY A 49 -12.32 -18.80 1.42
CA GLY A 49 -12.82 -20.11 1.08
C GLY A 49 -12.32 -20.54 -0.28
N VAL A 50 -12.77 -21.71 -0.72
CA VAL A 50 -12.37 -22.23 -2.02
C VAL A 50 -13.55 -22.95 -2.65
N ILE A 51 -13.49 -23.14 -3.95
CA ILE A 51 -14.55 -23.83 -4.67
C ILE A 51 -13.98 -24.57 -5.88
N TYR A 52 -14.39 -25.82 -6.05
CA TYR A 52 -13.91 -26.63 -7.17
C TYR A 52 -14.96 -26.59 -8.26
N PRO A 53 -14.78 -25.71 -9.25
CA PRO A 53 -15.75 -25.61 -10.34
C PRO A 53 -16.15 -26.93 -11.00
N GLY A 54 -15.20 -27.84 -11.18
CA GLY A 54 -15.51 -29.13 -11.80
C GLY A 54 -16.64 -29.92 -11.16
N ASN A 55 -16.70 -29.87 -9.82
CA ASN A 55 -17.72 -30.60 -9.08
C ASN A 55 -18.62 -29.62 -8.31
N GLY A 56 -18.17 -28.39 -8.18
CA GLY A 56 -18.98 -27.39 -7.51
C GLY A 56 -18.93 -27.35 -6.01
N ASP A 57 -18.25 -28.28 -5.36
CA ASP A 57 -18.24 -28.21 -3.92
C ASP A 57 -17.51 -27.00 -3.37
N THR A 58 -17.88 -26.59 -2.17
CA THR A 58 -17.33 -25.39 -1.59
C THR A 58 -16.97 -25.54 -0.13
N SER A 59 -15.91 -24.84 0.27
CA SER A 59 -15.37 -24.86 1.62
C SER A 59 -15.08 -23.41 2.02
N TYR A 60 -15.56 -23.00 3.19
CA TYR A 60 -15.37 -21.62 3.63
C TYR A 60 -14.65 -21.57 4.95
N SER A 61 -14.14 -20.39 5.28
CA SER A 61 -13.47 -20.15 6.55
C SER A 61 -14.60 -19.97 7.57
N GLN A 62 -14.24 -19.74 8.82
CA GLN A 62 -15.25 -19.55 9.87
C GLN A 62 -15.85 -18.15 9.87
N LYS A 63 -15.01 -17.15 9.62
CA LYS A 63 -15.46 -15.76 9.61
C LYS A 63 -16.03 -15.33 8.27
N PHE A 64 -16.32 -16.29 7.39
CA PHE A 64 -16.83 -15.93 6.06
C PHE A 64 -17.94 -16.82 5.50
N LYS A 65 -18.19 -17.95 6.15
CA LYS A 65 -19.23 -18.87 5.69
C LYS A 65 -20.59 -18.17 5.55
N GLY A 66 -20.91 -17.29 6.51
CA GLY A 66 -22.17 -16.57 6.49
C GLY A 66 -21.98 -15.16 5.97
N LYS A 67 -20.79 -14.89 5.45
CA LYS A 67 -20.45 -13.58 4.91
C LYS A 67 -20.20 -13.60 3.40
N ALA A 68 -19.88 -14.78 2.85
CA ALA A 68 -19.59 -14.89 1.42
C ALA A 68 -20.17 -16.13 0.76
N THR A 69 -20.35 -16.04 -0.56
CA THR A 69 -20.88 -17.15 -1.34
C THR A 69 -20.10 -17.33 -2.63
N LEU A 70 -19.38 -18.44 -2.72
CA LEU A 70 -18.56 -18.73 -3.90
C LEU A 70 -19.33 -19.50 -4.97
N THR A 71 -19.31 -19.00 -6.20
CA THR A 71 -19.99 -19.70 -7.28
C THR A 71 -19.04 -19.71 -8.45
N ALA A 72 -19.35 -20.47 -9.48
CA ALA A 72 -18.49 -20.55 -10.64
C ALA A 72 -19.30 -20.90 -11.85
N ASP A 73 -19.00 -20.23 -12.95
CA ASP A 73 -19.69 -20.49 -14.19
C ASP A 73 -18.82 -21.36 -15.07
N LYS A 74 -19.12 -22.64 -15.05
CA LYS A 74 -18.40 -23.61 -15.86
C LYS A 74 -18.42 -23.10 -17.32
N SER A 75 -19.49 -22.42 -17.69
CA SER A 75 -19.67 -21.88 -19.04
C SER A 75 -18.79 -20.70 -19.48
N SER A 76 -18.73 -19.66 -18.64
CA SER A 76 -17.93 -18.48 -18.97
C SER A 76 -16.56 -18.48 -18.30
N SER A 77 -16.07 -19.66 -17.92
CA SER A 77 -14.77 -19.78 -17.26
C SER A 77 -14.63 -18.68 -16.22
N THR A 78 -15.72 -18.40 -15.51
CA THR A 78 -15.70 -17.33 -14.52
C THR A 78 -16.14 -17.78 -13.14
N ALA A 79 -15.40 -17.33 -12.14
CA ALA A 79 -15.70 -17.64 -10.75
C ALA A 79 -16.21 -16.35 -10.10
N TYR A 80 -17.09 -16.48 -9.11
CA TYR A 80 -17.65 -15.30 -8.45
C TYR A 80 -17.68 -15.41 -6.94
N MET A 81 -17.69 -14.26 -6.30
CA MET A 81 -17.80 -14.19 -4.85
C MET A 81 -18.79 -13.09 -4.52
N GLN A 82 -19.76 -13.44 -3.68
CA GLN A 82 -20.77 -12.51 -3.23
C GLN A 82 -20.58 -12.30 -1.73
N LEU A 83 -20.42 -11.05 -1.33
CA LEU A 83 -20.25 -10.68 0.07
C LEU A 83 -21.54 -9.93 0.40
N SER A 84 -22.08 -10.20 1.58
CA SER A 84 -23.34 -9.55 1.95
C SER A 84 -23.27 -8.70 3.21
N SER A 85 -24.26 -7.81 3.36
CA SER A 85 -24.37 -6.92 4.51
C SER A 85 -23.02 -6.29 4.80
N LEU A 86 -22.44 -5.66 3.79
CA LEU A 86 -21.13 -5.06 3.97
C LEU A 86 -21.08 -4.03 5.07
N THR A 87 -19.94 -4.01 5.75
CA THR A 87 -19.67 -3.07 6.83
C THR A 87 -18.36 -2.39 6.46
N SER A 88 -17.95 -1.39 7.23
CA SER A 88 -16.70 -0.69 6.95
C SER A 88 -15.53 -1.65 7.13
N GLU A 89 -15.71 -2.63 8.01
CA GLU A 89 -14.66 -3.61 8.28
C GLU A 89 -14.46 -4.55 7.09
N ASP A 90 -15.30 -4.37 6.07
CA ASP A 90 -15.22 -5.21 4.87
C ASP A 90 -14.46 -4.52 3.73
N SER A 91 -14.02 -3.29 3.97
CA SER A 91 -13.24 -2.54 2.97
C SER A 91 -11.90 -3.24 2.93
N ALA A 92 -11.50 -3.67 1.75
CA ALA A 92 -10.25 -4.42 1.63
C ALA A 92 -10.03 -4.81 0.18
N VAL A 93 -8.96 -5.55 -0.09
CA VAL A 93 -8.69 -5.99 -1.45
C VAL A 93 -8.92 -7.49 -1.50
N TYR A 94 -9.80 -7.90 -2.40
CA TYR A 94 -10.16 -9.30 -2.55
C TYR A 94 -9.53 -9.97 -3.77
N TYR A 95 -8.76 -11.01 -3.51
CA TYR A 95 -8.09 -11.76 -4.57
C TYR A 95 -8.68 -13.14 -4.81
N CYS A 96 -8.61 -13.58 -6.06
CA CYS A 96 -9.00 -14.93 -6.42
C CYS A 96 -7.65 -15.53 -6.79
N SER A 97 -7.47 -16.82 -6.50
CA SER A 97 -6.23 -17.54 -6.78
C SER A 97 -6.51 -18.99 -7.17
N ARG A 98 -6.01 -19.38 -8.34
CA ARG A 98 -6.21 -20.72 -8.86
C ARG A 98 -5.29 -21.71 -8.16
N GLY A 99 -5.88 -22.80 -7.69
CA GLY A 99 -5.12 -23.83 -7.01
C GLY A 99 -4.94 -25.04 -7.90
N GLY A 100 -4.08 -25.95 -7.47
CA GLY A 100 -3.83 -27.14 -8.25
C GLY A 100 -2.70 -27.90 -7.63
N ALA A 101 -2.94 -29.15 -7.24
CA ALA A 101 -1.92 -29.99 -6.64
C ALA A 101 -1.26 -29.27 -5.44
N GLY A 102 -2.06 -28.51 -4.69
CA GLY A 102 -1.55 -27.81 -3.53
C GLY A 102 -0.79 -26.53 -3.81
N ILE A 103 -0.83 -26.03 -5.04
CA ILE A 103 -0.11 -24.81 -5.36
C ILE A 103 -0.99 -23.67 -5.88
N MET A 104 -0.98 -22.54 -5.17
N MET A 104 -0.98 -22.54 -5.18
CA MET A 104 -1.75 -21.37 -5.57
CA MET A 104 -1.75 -21.38 -5.57
C MET A 104 -0.89 -20.64 -6.60
C MET A 104 -0.89 -20.64 -6.60
N ALA A 105 -0.83 -21.21 -7.80
CA ALA A 105 -0.02 -20.68 -8.90
C ALA A 105 -0.34 -19.32 -9.51
N TYR A 106 -1.61 -19.04 -9.74
CA TYR A 106 -2.00 -17.78 -10.36
C TYR A 106 -2.92 -16.93 -9.50
N TRP A 107 -2.67 -15.62 -9.51
CA TRP A 107 -3.44 -14.68 -8.73
C TRP A 107 -4.00 -13.52 -9.55
N GLY A 108 -5.25 -13.15 -9.25
CA GLY A 108 -5.86 -12.02 -9.93
C GLY A 108 -5.24 -10.76 -9.31
N GLN A 109 -5.50 -9.60 -9.91
N GLN A 109 -5.47 -9.59 -9.90
CA GLN A 109 -4.97 -8.32 -9.43
CA GLN A 109 -4.90 -8.37 -9.34
C GLN A 109 -5.76 -7.76 -8.25
C GLN A 109 -5.65 -7.89 -8.10
N GLY A 110 -6.83 -8.46 -7.86
CA GLY A 110 -7.61 -8.03 -6.71
C GLY A 110 -8.63 -6.95 -6.96
N THR A 111 -9.73 -7.03 -6.22
CA THR A 111 -10.80 -6.05 -6.35
C THR A 111 -10.85 -5.24 -5.08
N SER A 112 -10.59 -3.94 -5.19
CA SER A 112 -10.62 -3.10 -4.01
C SER A 112 -12.06 -2.69 -3.73
N VAL A 113 -12.58 -3.18 -2.61
CA VAL A 113 -13.95 -2.85 -2.23
C VAL A 113 -13.90 -1.75 -1.21
N THR A 114 -14.63 -0.67 -1.49
CA THR A 114 -14.70 0.46 -0.57
C THR A 114 -16.11 0.62 -0.02
N VAL A 115 -16.29 0.27 1.24
CA VAL A 115 -17.60 0.41 1.88
C VAL A 115 -17.67 1.78 2.53
N SER A 116 -18.45 2.68 1.95
CA SER A 116 -18.55 4.04 2.48
C SER A 116 -19.82 4.74 2.05
N SER A 117 -20.25 5.70 2.87
CA SER A 117 -21.46 6.47 2.61
C SER A 117 -21.18 7.79 1.91
N ALA A 118 -19.92 8.22 1.96
CA ALA A 118 -19.54 9.48 1.35
C ALA A 118 -20.06 9.64 -0.07
N LYS A 119 -20.37 10.89 -0.43
CA LYS A 119 -20.85 11.22 -1.76
C LYS A 119 -19.71 11.90 -2.52
N THR A 120 -19.83 11.99 -3.85
CA THR A 120 -18.78 12.61 -4.66
C THR A 120 -18.47 14.01 -4.16
N THR A 121 -17.24 14.19 -3.70
CA THR A 121 -16.81 15.47 -3.18
C THR A 121 -15.53 16.00 -3.84
N PRO A 122 -15.60 17.24 -4.33
CA PRO A 122 -14.42 17.81 -4.97
C PRO A 122 -13.40 18.18 -3.90
N PRO A 123 -12.13 18.22 -4.29
CA PRO A 123 -11.11 18.57 -3.30
C PRO A 123 -10.88 20.06 -3.24
N SER A 124 -10.18 20.49 -2.20
CA SER A 124 -9.81 21.89 -2.06
C SER A 124 -8.32 21.77 -2.32
N VAL A 125 -7.77 22.75 -3.03
CA VAL A 125 -6.37 22.70 -3.41
C VAL A 125 -5.60 23.87 -2.83
N TYR A 126 -4.59 23.55 -2.03
CA TYR A 126 -3.80 24.56 -1.37
C TYR A 126 -2.35 24.57 -1.79
N PRO A 127 -1.85 25.74 -2.20
CA PRO A 127 -0.45 25.83 -2.60
C PRO A 127 0.39 25.60 -1.34
N LEU A 128 1.56 24.99 -1.51
CA LEU A 128 2.47 24.74 -0.39
C LEU A 128 3.82 25.34 -0.73
N ALA A 129 4.14 26.45 -0.09
CA ALA A 129 5.42 27.12 -0.32
C ALA A 129 6.24 27.02 0.95
N PRO A 130 7.57 27.15 0.83
CA PRO A 130 8.47 27.07 1.99
C PRO A 130 8.02 28.00 3.10
N GLY A 131 8.06 29.30 2.83
CA GLY A 131 7.66 30.28 3.82
C GLY A 131 8.47 30.15 5.10
N SER A 132 7.76 30.06 6.22
CA SER A 132 8.33 29.94 7.57
C SER A 132 9.52 28.99 7.69
N ALA A 133 10.51 29.42 8.46
CA ALA A 133 11.75 28.66 8.71
C ALA A 133 11.87 27.42 7.84
N ALA A 134 12.09 27.62 6.54
CA ALA A 134 12.20 26.50 5.60
C ALA A 134 13.63 26.00 5.49
N GLN A 135 14.37 26.48 4.48
CA GLN A 135 15.76 26.07 4.27
C GLN A 135 16.40 26.65 3.00
N THR A 136 16.81 27.91 3.06
CA THR A 136 17.44 28.57 1.91
C THR A 136 18.67 27.77 1.43
N ASN A 137 18.50 27.02 0.34
CA ASN A 137 19.56 26.18 -0.22
C ASN A 137 19.83 26.46 -1.71
N SER A 138 19.96 25.39 -2.49
CA SER A 138 20.22 25.47 -3.93
C SER A 138 18.99 25.17 -4.78
N MET A 139 18.27 24.13 -4.37
CA MET A 139 17.05 23.73 -5.05
C MET A 139 15.93 24.08 -4.08
N VAL A 140 14.72 24.25 -4.59
CA VAL A 140 13.58 24.57 -3.76
C VAL A 140 12.46 23.58 -4.04
N THR A 141 11.85 23.05 -2.98
CA THR A 141 10.76 22.11 -3.15
C THR A 141 9.44 22.78 -2.88
N LEU A 142 8.54 22.73 -3.87
CA LEU A 142 7.20 23.31 -3.73
C LEU A 142 6.17 22.20 -3.69
N GLY A 143 4.91 22.55 -3.46
CA GLY A 143 3.89 21.52 -3.42
C GLY A 143 2.47 21.99 -3.36
N CYS A 144 1.54 21.05 -3.40
CA CYS A 144 0.15 21.44 -3.28
C CYS A 144 -0.68 20.30 -2.68
N LEU A 145 -1.52 20.68 -1.72
CA LEU A 145 -2.35 19.77 -0.96
C LEU A 145 -3.71 19.65 -1.60
N VAL A 146 -4.09 18.43 -1.94
CA VAL A 146 -5.38 18.17 -2.56
C VAL A 146 -6.13 17.52 -1.42
N LYS A 147 -6.95 18.33 -0.75
CA LYS A 147 -7.65 17.90 0.44
C LYS A 147 -9.15 17.66 0.34
N GLY A 148 -9.57 16.60 1.03
CA GLY A 148 -10.98 16.25 1.12
C GLY A 148 -11.82 15.95 -0.10
N TYR A 149 -11.36 15.03 -0.95
CA TYR A 149 -12.14 14.68 -2.13
C TYR A 149 -12.66 13.26 -1.94
N PHE A 150 -13.54 12.85 -2.85
CA PHE A 150 -14.08 11.51 -2.85
C PHE A 150 -14.87 11.35 -4.14
N PRO A 151 -14.71 10.21 -4.82
CA PRO A 151 -13.82 9.10 -4.45
C PRO A 151 -12.45 9.33 -5.10
N GLU A 152 -11.55 8.36 -4.94
CA GLU A 152 -10.25 8.46 -5.58
C GLU A 152 -10.52 8.17 -7.06
N PRO A 153 -9.64 8.62 -7.96
CA PRO A 153 -8.42 9.36 -7.62
C PRO A 153 -8.46 10.79 -8.12
N VAL A 154 -7.30 11.43 -8.05
CA VAL A 154 -7.10 12.78 -8.52
C VAL A 154 -5.79 12.75 -9.27
N THR A 155 -5.57 13.72 -10.15
CA THR A 155 -4.34 13.79 -10.90
C THR A 155 -3.71 15.17 -10.74
N VAL A 156 -2.40 15.19 -10.55
CA VAL A 156 -1.68 16.45 -10.41
C VAL A 156 -0.48 16.55 -11.36
N THR A 157 -0.40 17.67 -12.07
CA THR A 157 0.73 17.90 -12.96
C THR A 157 1.17 19.31 -12.67
N TRP A 158 2.39 19.66 -13.05
CA TRP A 158 2.87 21.00 -12.79
C TRP A 158 3.13 21.79 -14.07
N ASN A 159 2.65 23.02 -14.09
CA ASN A 159 2.78 23.90 -15.26
C ASN A 159 2.30 23.12 -16.47
N SER A 160 1.09 22.58 -16.35
CA SER A 160 0.46 21.80 -17.40
C SER A 160 1.27 20.61 -17.88
N GLY A 161 2.37 20.30 -17.20
CA GLY A 161 3.19 19.17 -17.60
C GLY A 161 4.65 19.50 -17.89
N SER A 162 4.92 20.77 -18.16
CA SER A 162 6.27 21.23 -18.44
C SER A 162 7.22 20.74 -17.35
N LEU A 163 6.80 20.90 -16.09
CA LEU A 163 7.61 20.45 -14.97
C LEU A 163 7.38 18.96 -14.80
N SER A 164 8.27 18.17 -15.38
CA SER A 164 8.16 16.72 -15.33
C SER A 164 9.21 16.07 -14.45
N SER A 165 10.38 16.68 -14.36
CA SER A 165 11.45 16.15 -13.53
C SER A 165 11.28 16.63 -12.09
N GLY A 166 11.57 15.76 -11.14
CA GLY A 166 11.46 16.12 -9.73
C GLY A 166 10.04 16.31 -9.22
N VAL A 167 9.12 15.46 -9.66
CA VAL A 167 7.73 15.53 -9.24
C VAL A 167 7.42 14.26 -8.46
N HIS A 168 6.79 14.41 -7.31
CA HIS A 168 6.43 13.28 -6.46
C HIS A 168 4.99 13.45 -5.98
N THR A 169 4.14 12.46 -6.24
CA THR A 169 2.76 12.50 -5.79
C THR A 169 2.60 11.36 -4.82
N PHE A 170 2.25 11.70 -3.57
CA PHE A 170 2.14 10.70 -2.51
C PHE A 170 0.79 10.02 -2.45
N PRO A 171 0.73 8.85 -1.80
CA PRO A 171 -0.54 8.14 -1.68
C PRO A 171 -1.50 8.90 -0.77
N ALA A 172 -2.80 8.76 -1.02
CA ALA A 172 -3.80 9.45 -0.25
C ALA A 172 -4.04 8.85 1.12
N VAL A 173 -4.42 9.71 2.07
CA VAL A 173 -4.75 9.27 3.42
C VAL A 173 -6.24 9.54 3.52
N LEU A 174 -6.94 8.77 4.33
CA LEU A 174 -8.38 8.98 4.50
C LEU A 174 -8.58 9.70 5.83
N GLN A 175 -9.27 10.83 5.79
CA GLN A 175 -9.56 11.63 6.97
C GLN A 175 -11.08 11.66 7.11
N SER A 176 -11.58 10.69 7.88
CA SER A 176 -13.01 10.47 8.10
C SER A 176 -13.39 9.65 6.88
N ASP A 177 -14.14 10.24 5.97
CA ASP A 177 -14.45 9.48 4.77
C ASP A 177 -14.17 10.26 3.52
N LEU A 178 -13.07 11.01 3.54
CA LEU A 178 -12.64 11.81 2.41
C LEU A 178 -11.15 11.58 2.22
N TYR A 179 -10.67 11.69 0.97
CA TYR A 179 -9.26 11.49 0.74
C TYR A 179 -8.45 12.77 0.65
N THR A 180 -7.19 12.67 1.06
CA THR A 180 -6.28 13.80 1.00
C THR A 180 -4.93 13.30 0.57
N LEU A 181 -4.32 14.04 -0.35
CA LEU A 181 -3.02 13.68 -0.85
C LEU A 181 -2.26 14.94 -1.19
N SER A 182 -0.95 14.82 -1.31
CA SER A 182 -0.15 15.96 -1.68
C SER A 182 0.80 15.54 -2.81
N SER A 183 1.31 16.53 -3.53
CA SER A 183 2.25 16.33 -4.62
C SER A 183 3.29 17.42 -4.49
N SER A 184 4.53 17.13 -4.88
CA SER A 184 5.58 18.12 -4.81
C SER A 184 6.44 18.17 -6.08
N VAL A 185 7.11 19.29 -6.27
CA VAL A 185 8.01 19.48 -7.39
C VAL A 185 9.23 20.26 -6.88
N THR A 186 10.41 19.80 -7.26
CA THR A 186 11.65 20.44 -6.84
C THR A 186 12.28 21.08 -8.07
N VAL A 187 12.52 22.39 -7.99
CA VAL A 187 13.09 23.16 -9.09
C VAL A 187 14.26 24.03 -8.65
N PRO A 188 14.99 24.62 -9.61
CA PRO A 188 16.14 25.49 -9.29
C PRO A 188 15.69 26.69 -8.49
N SER A 189 16.35 26.95 -7.38
CA SER A 189 16.00 28.08 -6.55
C SER A 189 16.01 29.37 -7.35
N SER A 190 16.73 29.38 -8.47
CA SER A 190 16.79 30.58 -9.30
C SER A 190 15.59 30.64 -10.24
N THR A 191 14.88 29.54 -10.36
CA THR A 191 13.71 29.45 -11.22
C THR A 191 12.45 29.96 -10.51
N TRP A 192 12.48 29.89 -9.19
CA TRP A 192 11.35 30.33 -8.38
C TRP A 192 11.87 31.17 -7.23
N PRO A 193 11.14 32.22 -6.83
CA PRO A 193 9.85 32.70 -7.36
C PRO A 193 9.94 33.39 -8.72
N SER A 194 11.15 33.47 -9.26
CA SER A 194 11.40 34.12 -10.56
C SER A 194 10.40 33.75 -11.65
N GLU A 195 10.38 32.47 -12.01
CA GLU A 195 9.46 31.95 -13.03
C GLU A 195 8.35 31.14 -12.39
N THR A 196 7.12 31.53 -12.67
CA THR A 196 5.91 30.91 -12.17
C THR A 196 5.83 29.39 -12.17
N VAL A 197 5.30 28.85 -11.07
CA VAL A 197 5.12 27.40 -10.88
C VAL A 197 3.67 27.21 -10.45
N THR A 198 2.94 26.38 -11.19
CA THR A 198 1.55 26.13 -10.89
C THR A 198 1.27 24.64 -10.89
N CYS A 199 0.44 24.18 -9.95
CA CYS A 199 0.06 22.78 -9.89
C CYS A 199 -1.34 22.72 -10.51
N ASN A 200 -1.59 21.69 -11.31
CA ASN A 200 -2.89 21.56 -11.97
C ASN A 200 -3.55 20.29 -11.46
N VAL A 201 -4.70 20.44 -10.81
CA VAL A 201 -5.40 19.32 -10.23
C VAL A 201 -6.69 18.98 -10.93
N ALA A 202 -6.95 17.68 -11.04
CA ALA A 202 -8.17 17.20 -11.65
C ALA A 202 -8.78 16.10 -10.80
N HIS A 203 -10.11 16.10 -10.73
CA HIS A 203 -10.84 15.08 -9.99
C HIS A 203 -11.99 14.71 -10.94
N PRO A 204 -11.73 13.79 -11.89
CA PRO A 204 -12.70 13.33 -12.89
C PRO A 204 -14.08 13.04 -12.34
N ALA A 205 -14.13 12.21 -11.30
CA ALA A 205 -15.41 11.86 -10.71
C ALA A 205 -16.35 13.06 -10.54
N SER A 206 -15.80 14.22 -10.23
CA SER A 206 -16.62 15.40 -10.02
C SER A 206 -16.49 16.44 -11.13
N SER A 207 -15.64 16.16 -12.10
CA SER A 207 -15.41 17.10 -13.20
C SER A 207 -14.81 18.41 -12.68
N THR A 208 -14.12 18.33 -11.55
CA THR A 208 -13.49 19.50 -10.96
C THR A 208 -12.07 19.67 -11.48
N LYS A 209 -11.72 20.91 -11.82
CA LYS A 209 -10.39 21.24 -12.30
C LYS A 209 -9.96 22.52 -11.60
N VAL A 210 -8.74 22.56 -11.10
CA VAL A 210 -8.25 23.78 -10.46
C VAL A 210 -6.75 23.98 -10.65
N ASP A 211 -6.37 25.19 -11.04
CA ASP A 211 -4.96 25.51 -11.18
C ASP A 211 -4.65 26.45 -10.03
N LYS A 212 -3.57 26.15 -9.32
CA LYS A 212 -3.15 26.96 -8.19
C LYS A 212 -1.67 27.29 -8.30
N LYS A 213 -1.34 28.57 -8.25
CA LYS A 213 0.05 29.02 -8.33
C LYS A 213 0.72 28.99 -6.97
N ILE A 214 1.97 28.55 -6.95
CA ILE A 214 2.72 28.50 -5.71
C ILE A 214 3.33 29.87 -5.54
N VAL A 215 2.91 30.58 -4.50
CA VAL A 215 3.42 31.91 -4.29
C VAL A 215 4.15 32.05 -2.96
N PRO A 216 5.22 32.85 -2.95
CA PRO A 216 6.04 33.09 -1.75
C PRO A 216 5.17 33.39 -0.55
N ARG A 217 5.41 32.67 0.55
CA ARG A 217 4.64 32.82 1.78
C ARG A 217 5.05 34.08 2.53
N ALA B 2 -5.62 -22.24 14.41
CA ALA B 2 -4.16 -22.13 14.71
C ALA B 2 -3.55 -20.90 14.06
N VAL B 3 -2.48 -20.37 14.65
CA VAL B 3 -1.81 -19.18 14.11
C VAL B 3 -0.51 -19.55 13.39
N VAL B 4 -0.23 -18.87 12.28
CA VAL B 4 0.99 -19.10 11.50
C VAL B 4 1.93 -17.91 11.68
N THR B 5 3.20 -18.18 11.96
CA THR B 5 4.16 -17.10 12.19
C THR B 5 5.39 -17.02 11.27
N GLN B 6 5.67 -15.80 10.78
CA GLN B 6 6.82 -15.54 9.91
C GLN B 6 7.63 -14.39 10.49
N GLU B 7 8.90 -14.32 10.10
CA GLU B 7 9.77 -13.22 10.55
C GLU B 7 9.12 -11.93 10.04
N SER B 8 9.30 -10.83 10.76
CA SER B 8 8.69 -9.57 10.35
C SER B 8 9.44 -8.90 9.20
N ALA B 9 10.76 -8.93 9.25
CA ALA B 9 11.59 -8.33 8.20
C ALA B 9 12.98 -8.96 8.21
N LEU B 10 13.62 -8.92 7.04
CA LEU B 10 14.98 -9.46 6.86
C LEU B 10 15.64 -8.67 5.75
N THR B 11 16.96 -8.58 5.82
CA THR B 11 17.75 -7.88 4.81
C THR B 11 18.87 -8.77 4.25
N THR B 12 19.11 -8.66 2.95
CA THR B 12 20.17 -9.43 2.33
C THR B 12 20.70 -8.61 1.16
N SER B 13 21.74 -9.12 0.50
CA SER B 13 22.36 -8.41 -0.60
C SER B 13 22.30 -9.25 -1.86
N PRO B 14 22.38 -8.62 -3.02
CA PRO B 14 22.35 -9.36 -4.29
C PRO B 14 23.42 -10.45 -4.33
N GLY B 15 23.02 -11.66 -4.70
CA GLY B 15 23.96 -12.75 -4.78
C GLY B 15 23.99 -13.63 -3.56
N GLU B 16 23.45 -13.15 -2.45
CA GLU B 16 23.45 -13.94 -1.23
C GLU B 16 22.26 -14.90 -1.13
N THR B 17 22.33 -15.79 -0.15
CA THR B 17 21.27 -16.75 0.12
C THR B 17 20.53 -16.25 1.35
N VAL B 18 19.21 -16.13 1.25
CA VAL B 18 18.43 -15.72 2.40
C VAL B 18 17.36 -16.79 2.57
N THR B 19 17.01 -17.04 3.84
CA THR B 19 16.04 -18.06 4.20
C THR B 19 14.91 -17.44 5.02
N LEU B 20 13.68 -17.81 4.69
CA LEU B 20 12.49 -17.33 5.39
C LEU B 20 11.79 -18.55 6.01
N THR B 21 11.31 -18.41 7.25
CA THR B 21 10.64 -19.52 7.92
C THR B 21 9.19 -19.22 8.25
N CYS B 22 8.44 -20.29 8.48
CA CYS B 22 7.03 -20.18 8.76
C CYS B 22 6.61 -21.21 9.81
N ARG B 23 6.22 -20.72 11.00
CA ARG B 23 5.78 -21.58 12.10
C ARG B 23 4.28 -21.87 12.02
N SER B 24 3.84 -22.86 12.79
CA SER B 24 2.44 -23.24 12.81
C SER B 24 1.80 -22.96 14.16
N SER B 25 2.53 -22.26 15.04
CA SER B 25 2.05 -21.95 16.39
C SER B 25 1.90 -23.25 17.17
N THR B 26 1.26 -24.22 16.52
CA THR B 26 1.08 -25.54 17.09
C THR B 26 2.17 -26.39 16.46
N GLY B 27 3.18 -25.70 15.92
CA GLY B 27 4.32 -26.34 15.28
C GLY B 27 4.00 -27.56 14.46
N ALA B 28 4.98 -28.45 14.32
CA ALA B 28 4.80 -29.68 13.57
C ALA B 28 4.40 -29.46 12.12
N VAL B 29 5.06 -28.54 11.44
CA VAL B 29 4.73 -28.31 10.05
C VAL B 29 5.14 -29.56 9.28
N THR B 30 4.19 -30.17 8.58
CA THR B 30 4.44 -31.38 7.80
C THR B 30 3.97 -31.17 6.37
N THR B 31 4.19 -32.16 5.51
CA THR B 31 3.77 -32.05 4.11
C THR B 31 2.25 -32.17 4.02
N SER B 32 1.60 -32.11 5.18
CA SER B 32 0.14 -32.21 5.26
C SER B 32 -0.44 -30.80 5.35
N ASN B 33 0.42 -29.81 5.12
CA ASN B 33 0.03 -28.41 5.15
C ASN B 33 0.32 -27.79 3.80
N TYR B 34 0.85 -28.61 2.89
CA TYR B 34 1.21 -28.17 1.55
C TYR B 34 1.64 -26.70 1.58
N ALA B 35 2.53 -26.37 2.52
CA ALA B 35 3.01 -25.00 2.67
C ALA B 35 3.14 -24.30 1.32
N ASN B 36 2.58 -23.09 1.24
CA ASN B 36 2.61 -22.26 0.03
C ASN B 36 3.35 -20.95 0.30
N TRP B 37 4.05 -20.47 -0.72
CA TRP B 37 4.75 -19.20 -0.59
C TRP B 37 4.34 -18.27 -1.73
N VAL B 38 3.92 -17.06 -1.36
CA VAL B 38 3.47 -16.09 -2.34
C VAL B 38 4.18 -14.76 -2.16
N GLN B 39 4.47 -14.11 -3.28
CA GLN B 39 5.18 -12.85 -3.26
C GLN B 39 4.32 -11.64 -3.58
N GLU B 40 4.35 -10.64 -2.71
CA GLU B 40 3.60 -9.41 -2.92
C GLU B 40 4.56 -8.30 -3.32
N LYS B 41 4.33 -7.73 -4.49
CA LYS B 41 5.14 -6.64 -4.96
C LYS B 41 4.24 -5.41 -5.11
N PRO B 42 4.84 -4.23 -5.22
CA PRO B 42 4.12 -2.96 -5.36
C PRO B 42 2.91 -3.02 -6.28
N ASP B 43 1.84 -2.37 -5.82
CA ASP B 43 0.57 -2.27 -6.50
C ASP B 43 -0.17 -3.61 -6.49
N HIS B 44 -0.23 -4.19 -5.30
CA HIS B 44 -0.92 -5.45 -5.05
C HIS B 44 -0.81 -6.52 -6.14
N LEU B 45 0.42 -6.90 -6.50
CA LEU B 45 0.59 -7.94 -7.48
C LEU B 45 1.12 -9.15 -6.74
N PHE B 46 0.30 -10.18 -6.64
CA PHE B 46 0.70 -11.39 -5.96
C PHE B 46 1.11 -12.43 -6.93
N THR B 47 2.25 -13.07 -6.64
CA THR B 47 2.76 -14.14 -7.48
C THR B 47 3.00 -15.37 -6.60
N GLY B 48 2.43 -16.50 -7.01
CA GLY B 48 2.59 -17.74 -6.29
C GLY B 48 3.99 -18.24 -6.61
N LEU B 49 4.75 -18.60 -5.58
CA LEU B 49 6.10 -19.07 -5.78
C LEU B 49 6.29 -20.56 -5.54
N ILE B 50 5.89 -21.00 -4.36
CA ILE B 50 6.02 -22.40 -4.00
C ILE B 50 4.71 -22.90 -3.42
N GLY B 51 4.40 -24.17 -3.72
CA GLY B 51 3.21 -24.81 -3.20
C GLY B 51 3.53 -26.25 -2.82
N GLY B 52 2.65 -26.91 -2.07
CA GLY B 52 2.90 -28.29 -1.68
C GLY B 52 4.29 -28.46 -1.10
N THR B 53 4.65 -27.52 -0.22
CA THR B 53 5.92 -27.48 0.50
C THR B 53 7.18 -27.17 -0.29
N ASN B 54 7.34 -27.80 -1.46
CA ASN B 54 8.56 -27.64 -2.24
C ASN B 54 8.34 -27.67 -3.75
N ASN B 55 7.10 -27.49 -4.18
CA ASN B 55 6.80 -27.48 -5.61
C ASN B 55 6.81 -26.06 -6.14
N ARG B 56 7.68 -25.80 -7.11
CA ARG B 56 7.76 -24.47 -7.70
C ARG B 56 6.57 -24.25 -8.62
N ALA B 57 6.02 -23.05 -8.57
CA ALA B 57 4.88 -22.72 -9.41
C ALA B 57 5.43 -22.46 -10.81
N PRO B 58 4.65 -22.79 -11.85
CA PRO B 58 5.10 -22.58 -13.22
C PRO B 58 5.67 -21.19 -13.49
N GLY B 59 6.82 -21.16 -14.17
CA GLY B 59 7.47 -19.91 -14.51
C GLY B 59 8.38 -19.32 -13.45
N VAL B 60 8.27 -19.78 -12.21
CA VAL B 60 9.10 -19.26 -11.12
C VAL B 60 10.59 -19.57 -11.24
N PRO B 61 11.44 -18.58 -10.91
CA PRO B 61 12.89 -18.74 -10.98
C PRO B 61 13.42 -19.92 -10.16
N ALA B 62 14.46 -20.56 -10.68
CA ALA B 62 15.06 -21.71 -10.00
C ALA B 62 15.64 -21.37 -8.65
N ARG B 63 16.00 -20.10 -8.45
CA ARG B 63 16.60 -19.66 -7.19
C ARG B 63 15.65 -19.77 -5.99
N PHE B 64 14.35 -19.92 -6.25
CA PHE B 64 13.40 -20.07 -5.16
C PHE B 64 13.21 -21.55 -4.88
N SER B 65 13.08 -21.94 -3.61
CA SER B 65 12.86 -23.35 -3.30
C SER B 65 12.23 -23.44 -1.91
N GLY B 66 11.41 -24.46 -1.71
CA GLY B 66 10.75 -24.62 -0.43
C GLY B 66 11.18 -25.91 0.23
N SER B 67 11.13 -25.93 1.57
CA SER B 67 11.50 -27.12 2.32
C SER B 67 11.07 -26.98 3.77
N LEU B 68 11.40 -27.99 4.58
CA LEU B 68 11.07 -27.96 5.99
C LEU B 68 12.38 -27.81 6.74
N ILE B 69 12.40 -26.90 7.71
CA ILE B 69 13.56 -26.66 8.54
C ILE B 69 13.09 -26.80 9.98
N GLY B 70 13.57 -27.83 10.67
CA GLY B 70 13.13 -28.05 12.03
C GLY B 70 11.65 -28.37 12.00
N ASP B 71 10.86 -27.65 12.79
CA ASP B 71 9.41 -27.86 12.83
C ASP B 71 8.70 -26.89 11.89
N LYS B 72 9.49 -26.04 11.24
CA LYS B 72 8.97 -25.02 10.34
C LYS B 72 9.10 -25.28 8.85
N ALA B 73 8.49 -24.39 8.07
CA ALA B 73 8.54 -24.48 6.62
C ALA B 73 9.51 -23.39 6.23
N ALA B 74 10.29 -23.62 5.18
CA ALA B 74 11.26 -22.62 4.76
C ALA B 74 11.18 -22.25 3.28
N LEU B 75 11.56 -21.01 3.00
CA LEU B 75 11.60 -20.50 1.64
C LEU B 75 13.04 -20.05 1.50
N THR B 76 13.74 -20.65 0.55
CA THR B 76 15.11 -20.26 0.36
C THR B 76 15.24 -19.58 -0.98
N ILE B 77 15.99 -18.49 -0.99
CA ILE B 77 16.28 -17.75 -2.21
C ILE B 77 17.80 -17.76 -2.32
N THR B 78 18.31 -18.45 -3.34
CA THR B 78 19.72 -18.54 -3.61
C THR B 78 20.07 -17.42 -4.59
N GLY B 79 21.25 -16.81 -4.42
CA GLY B 79 21.63 -15.73 -5.30
C GLY B 79 20.50 -14.74 -5.49
N ALA B 80 20.09 -14.11 -4.39
CA ALA B 80 19.01 -13.15 -4.40
C ALA B 80 19.22 -12.02 -5.40
N GLN B 81 18.15 -11.62 -6.07
CA GLN B 81 18.21 -10.54 -7.04
C GLN B 81 17.49 -9.31 -6.49
N THR B 82 17.93 -8.13 -6.93
CA THR B 82 17.32 -6.88 -6.47
C THR B 82 15.80 -6.93 -6.61
N GLU B 83 15.32 -7.49 -7.72
CA GLU B 83 13.88 -7.60 -7.95
C GLU B 83 13.15 -8.48 -6.92
N ASP B 84 13.91 -9.13 -6.06
CA ASP B 84 13.33 -10.01 -5.05
C ASP B 84 12.89 -9.26 -3.80
N GLU B 85 13.22 -7.96 -3.74
CA GLU B 85 12.80 -7.14 -2.61
C GLU B 85 11.27 -7.03 -2.72
N ALA B 86 10.57 -7.58 -1.73
CA ALA B 86 9.12 -7.61 -1.71
C ALA B 86 8.71 -8.18 -0.37
N ILE B 87 7.43 -8.52 -0.26
CA ILE B 87 6.90 -9.13 0.95
C ILE B 87 6.60 -10.57 0.61
N TYR B 88 6.85 -11.44 1.57
CA TYR B 88 6.60 -12.85 1.36
C TYR B 88 5.66 -13.39 2.41
N PHE B 89 4.62 -14.07 1.96
CA PHE B 89 3.63 -14.67 2.84
C PHE B 89 3.69 -16.18 2.68
N CYS B 90 3.48 -16.90 3.76
CA CYS B 90 3.41 -18.36 3.69
C CYS B 90 1.97 -18.68 4.02
N ALA B 91 1.52 -19.87 3.66
CA ALA B 91 0.15 -20.28 3.91
C ALA B 91 0.12 -21.74 4.28
N LEU B 92 -0.53 -22.08 5.39
CA LEU B 92 -0.60 -23.45 5.85
C LEU B 92 -2.03 -24.01 5.81
N TRP B 93 -2.19 -25.12 5.09
CA TRP B 93 -3.48 -25.79 4.92
C TRP B 93 -3.75 -26.81 6.05
N TYR B 94 -4.94 -26.74 6.63
CA TYR B 94 -5.31 -27.65 7.70
C TYR B 94 -6.54 -28.47 7.35
N SER B 95 -6.36 -29.40 6.41
CA SER B 95 -7.40 -30.31 5.94
C SER B 95 -8.64 -29.65 5.31
N ASN B 96 -9.26 -28.73 6.05
CA ASN B 96 -10.46 -28.07 5.55
C ASN B 96 -10.32 -26.57 5.34
N HIS B 97 -9.25 -25.97 5.88
CA HIS B 97 -9.05 -24.54 5.72
C HIS B 97 -7.58 -24.10 5.63
N LEU B 98 -7.36 -22.87 5.16
CA LEU B 98 -6.02 -22.31 4.99
C LEU B 98 -5.80 -21.08 5.86
N VAL B 99 -4.58 -20.90 6.32
CA VAL B 99 -4.25 -19.73 7.16
C VAL B 99 -2.93 -19.10 6.71
N PHE B 100 -2.93 -17.78 6.61
CA PHE B 100 -1.76 -17.01 6.19
C PHE B 100 -0.96 -16.48 7.36
N GLY B 101 0.36 -16.44 7.17
CA GLY B 101 1.25 -15.91 8.19
C GLY B 101 1.22 -14.41 8.03
N GLY B 102 1.97 -13.68 8.85
CA GLY B 102 1.97 -12.23 8.77
C GLY B 102 2.82 -11.65 7.66
N GLY B 103 3.53 -12.50 6.94
CA GLY B 103 4.38 -12.00 5.87
C GLY B 103 5.70 -11.41 6.36
N THR B 104 6.70 -11.43 5.49
CA THR B 104 8.03 -10.90 5.79
C THR B 104 8.46 -9.90 4.74
N LYS B 105 8.91 -8.74 5.19
CA LYS B 105 9.37 -7.77 4.23
C LYS B 105 10.85 -8.08 4.00
N LEU B 106 11.19 -8.43 2.77
CA LEU B 106 12.57 -8.72 2.43
C LEU B 106 13.20 -7.56 1.68
N THR B 107 14.29 -7.05 2.24
CA THR B 107 15.02 -5.97 1.60
C THR B 107 16.28 -6.61 0.99
N VAL B 108 16.50 -6.36 -0.30
CA VAL B 108 17.68 -6.87 -0.99
C VAL B 108 18.44 -5.62 -1.42
N LEU B 109 19.48 -5.27 -0.67
CA LEU B 109 20.27 -4.07 -0.95
C LEU B 109 20.73 -3.96 -2.40
N GLY B 110 19.93 -3.29 -3.23
CA GLY B 110 20.27 -3.16 -4.63
C GLY B 110 20.88 -1.83 -5.07
N GLN B 111 21.11 -0.94 -4.11
CA GLN B 111 21.69 0.38 -4.37
C GLN B 111 22.16 0.86 -3.01
N PRO B 112 23.01 1.90 -2.96
CA PRO B 112 23.48 2.39 -1.68
C PRO B 112 22.38 2.94 -0.77
N LYS B 113 22.62 2.89 0.53
CA LYS B 113 21.69 3.44 1.50
C LYS B 113 21.52 4.92 1.13
N SER B 114 20.29 5.41 1.24
CA SER B 114 20.01 6.79 0.92
C SER B 114 19.24 7.47 2.07
N SER B 115 19.72 8.64 2.49
CA SER B 115 19.04 9.37 3.56
C SER B 115 17.82 10.07 2.96
N PRO B 116 16.76 10.19 3.75
CA PRO B 116 15.55 10.84 3.25
C PRO B 116 15.62 12.37 3.14
N SER B 117 15.06 12.91 2.06
N SER B 117 15.06 12.90 2.06
CA SER B 117 15.03 14.36 1.89
CA SER B 117 15.00 14.35 1.87
C SER B 117 13.71 14.76 2.55
C SER B 117 13.70 14.76 2.54
N VAL B 118 13.80 15.57 3.60
CA VAL B 118 12.61 16.00 4.31
C VAL B 118 12.26 17.45 4.03
N THR B 119 10.98 17.70 3.78
CA THR B 119 10.50 19.04 3.54
C THR B 119 9.27 19.22 4.40
N LEU B 120 9.21 20.30 5.18
CA LEU B 120 8.05 20.56 6.00
C LEU B 120 7.36 21.80 5.45
N PHE B 121 6.05 21.71 5.25
CA PHE B 121 5.28 22.82 4.72
C PHE B 121 4.24 23.26 5.75
N PRO B 122 4.16 24.58 6.02
CA PRO B 122 3.21 25.16 6.97
C PRO B 122 1.87 25.22 6.27
N PRO B 123 0.77 25.42 7.02
CA PRO B 123 -0.56 25.49 6.41
C PRO B 123 -0.64 26.71 5.50
N SER B 124 -1.46 26.61 4.45
CA SER B 124 -1.60 27.73 3.54
C SER B 124 -2.49 28.80 4.14
N SER B 125 -2.29 30.04 3.70
CA SER B 125 -3.10 31.14 4.18
C SER B 125 -4.54 30.81 3.84
N GLU B 126 -4.74 30.24 2.66
CA GLU B 126 -6.08 29.87 2.22
C GLU B 126 -6.73 28.78 3.07
N GLU B 127 -5.98 27.78 3.49
CA GLU B 127 -6.59 26.74 4.29
C GLU B 127 -6.95 27.28 5.67
N LEU B 128 -6.06 28.09 6.24
CA LEU B 128 -6.32 28.67 7.55
C LEU B 128 -7.68 29.39 7.59
N GLU B 129 -8.10 29.97 6.46
CA GLU B 129 -9.38 30.66 6.42
C GLU B 129 -10.52 29.71 6.73
N THR B 130 -10.25 28.42 6.70
CA THR B 130 -11.29 27.44 6.97
C THR B 130 -11.24 26.97 8.43
N ASN B 131 -10.38 27.62 9.21
CA ASN B 131 -10.17 27.28 10.62
C ASN B 131 -9.52 25.92 10.73
N LYS B 132 -8.85 25.50 9.65
CA LYS B 132 -8.15 24.21 9.62
C LYS B 132 -6.70 24.46 9.26
N ALA B 133 -5.80 23.67 9.82
CA ALA B 133 -4.37 23.82 9.58
C ALA B 133 -3.74 22.46 9.39
N THR B 134 -3.19 22.23 8.21
CA THR B 134 -2.55 20.96 7.92
C THR B 134 -1.09 21.26 7.62
N LEU B 135 -0.20 20.63 8.37
CA LEU B 135 1.21 20.78 8.10
C LEU B 135 1.52 19.54 7.25
N VAL B 136 2.30 19.73 6.19
CA VAL B 136 2.63 18.61 5.32
C VAL B 136 4.12 18.33 5.39
N CYS B 137 4.48 17.08 5.62
CA CYS B 137 5.90 16.70 5.69
C CYS B 137 6.15 15.64 4.64
N THR B 138 6.87 16.01 3.57
CA THR B 138 7.17 15.07 2.49
C THR B 138 8.52 14.47 2.79
N ILE B 139 8.65 13.19 2.46
CA ILE B 139 9.86 12.45 2.73
C ILE B 139 10.18 11.62 1.49
N THR B 140 11.23 12.00 0.76
CA THR B 140 11.58 11.26 -0.46
C THR B 140 12.99 10.71 -0.48
N ASP B 141 13.22 9.83 -1.45
CA ASP B 141 14.54 9.27 -1.70
C ASP B 141 15.25 8.53 -0.59
N PHE B 142 14.53 7.82 0.25
CA PHE B 142 15.19 7.07 1.30
C PHE B 142 15.21 5.61 0.91
N TYR B 143 16.27 4.92 1.33
CA TYR B 143 16.43 3.50 1.04
C TYR B 143 17.39 2.92 2.08
N PRO B 144 17.04 1.77 2.69
CA PRO B 144 15.84 0.93 2.51
C PRO B 144 14.54 1.71 2.71
N GLY B 145 13.41 1.03 2.56
CA GLY B 145 12.12 1.66 2.65
C GLY B 145 11.35 1.77 3.95
N VAL B 146 12.02 1.71 5.09
CA VAL B 146 11.34 1.87 6.37
C VAL B 146 11.83 3.17 7.01
N VAL B 147 10.89 3.90 7.61
CA VAL B 147 11.20 5.16 8.27
C VAL B 147 10.18 5.42 9.37
N THR B 148 10.58 6.15 10.40
CA THR B 148 9.66 6.49 11.48
C THR B 148 9.55 8.02 11.56
N VAL B 149 8.32 8.51 11.62
CA VAL B 149 8.03 9.94 11.67
C VAL B 149 7.53 10.40 13.04
N ASP B 150 8.17 11.42 13.60
CA ASP B 150 7.78 11.97 14.90
C ASP B 150 7.53 13.47 14.77
N TRP B 151 6.37 13.93 15.21
CA TRP B 151 6.01 15.36 15.16
C TRP B 151 6.18 16.03 16.53
N LYS B 152 6.72 17.25 16.56
CA LYS B 152 6.89 17.99 17.81
C LYS B 152 6.30 19.40 17.67
N VAL B 153 5.70 19.90 18.75
CA VAL B 153 5.11 21.22 18.75
C VAL B 153 5.70 21.95 19.96
N ASP B 154 6.31 23.10 19.69
CA ASP B 154 6.98 23.88 20.72
C ASP B 154 7.93 22.98 21.46
N GLY B 155 8.48 22.01 20.73
CA GLY B 155 9.45 21.12 21.31
C GLY B 155 9.01 19.82 21.94
N THR B 156 7.71 19.59 22.08
CA THR B 156 7.27 18.34 22.70
C THR B 156 6.47 17.48 21.72
N PRO B 157 6.64 16.15 21.80
CA PRO B 157 5.96 15.18 20.95
C PRO B 157 4.44 15.29 20.97
N VAL B 158 3.86 15.09 19.79
CA VAL B 158 2.43 15.13 19.59
C VAL B 158 2.09 13.92 18.71
N THR B 159 1.21 13.06 19.21
CA THR B 159 0.83 11.88 18.44
C THR B 159 -0.63 11.98 18.00
N GLN B 160 -1.31 13.03 18.44
CA GLN B 160 -2.71 13.22 18.09
C GLN B 160 -2.86 14.07 16.83
N GLY B 161 -3.79 13.70 15.96
CA GLY B 161 -4.05 14.43 14.73
C GLY B 161 -2.99 14.23 13.65
N MET B 162 -2.21 13.17 13.76
CA MET B 162 -1.16 12.91 12.78
C MET B 162 -1.40 11.63 11.99
N GLU B 163 -1.10 11.69 10.70
CA GLU B 163 -1.27 10.59 9.76
C GLU B 163 -0.06 10.49 8.85
N THR B 164 0.57 9.32 8.81
CA THR B 164 1.72 9.09 7.94
C THR B 164 1.41 7.94 6.97
N THR B 165 1.63 8.14 5.68
CA THR B 165 1.37 7.10 4.70
C THR B 165 2.44 6.01 4.75
N GLN B 166 2.11 4.84 4.22
CA GLN B 166 3.04 3.73 4.18
C GLN B 166 4.08 4.12 3.13
N PRO B 167 5.35 3.74 3.31
CA PRO B 167 6.36 4.10 2.31
C PRO B 167 6.01 3.52 0.95
N SER B 168 6.13 4.32 -0.09
N SER B 168 6.16 4.33 -0.09
CA SER B 168 5.85 3.87 -1.44
CA SER B 168 5.87 3.92 -1.44
C SER B 168 7.15 3.95 -2.23
C SER B 168 7.17 3.94 -2.24
N LYS B 169 7.24 3.09 -3.24
CA LYS B 169 8.43 3.00 -4.02
C LYS B 169 8.47 3.99 -5.14
N GLN B 170 9.55 4.75 -5.25
CA GLN B 170 9.65 5.71 -6.34
C GLN B 170 10.13 5.02 -7.61
N SER B 171 10.33 5.80 -8.67
CA SER B 171 10.83 5.29 -9.95
C SER B 171 12.31 4.90 -9.92
N ASN B 172 13.10 5.65 -9.16
CA ASN B 172 14.55 5.34 -9.07
C ASN B 172 14.75 4.28 -8.01
N ASN B 173 13.66 3.61 -7.68
CA ASN B 173 13.67 2.55 -6.70
C ASN B 173 13.91 2.92 -5.25
N LYS B 174 13.98 4.22 -4.95
CA LYS B 174 14.13 4.62 -3.56
C LYS B 174 12.69 4.68 -3.03
N TYR B 175 12.50 5.13 -1.78
CA TYR B 175 11.15 5.19 -1.22
C TYR B 175 10.69 6.58 -0.78
N MET B 176 9.37 6.76 -0.78
CA MET B 176 8.80 8.05 -0.39
C MET B 176 7.60 7.84 0.52
N ALA B 177 7.33 8.88 1.29
CA ALA B 177 6.23 8.86 2.22
C ALA B 177 5.86 10.27 2.60
N SER B 178 4.65 10.45 3.09
CA SER B 178 4.22 11.77 3.51
C SER B 178 3.57 11.63 4.89
N SER B 179 3.65 12.70 5.67
CA SER B 179 3.04 12.72 7.02
C SER B 179 2.27 14.01 7.18
N TYR B 180 1.12 13.92 7.83
CA TYR B 180 0.27 15.07 8.04
C TYR B 180 -0.02 15.31 9.51
N LEU B 181 -0.09 16.58 9.89
CA LEU B 181 -0.47 16.95 11.23
C LEU B 181 -1.64 17.90 11.02
N THR B 182 -2.82 17.48 11.47
CA THR B 182 -4.01 18.30 11.30
C THR B 182 -4.37 18.98 12.61
N LEU B 183 -4.66 20.28 12.52
CA LEU B 183 -5.00 21.10 13.68
C LEU B 183 -6.11 22.05 13.28
N THR B 184 -6.70 22.72 14.26
CA THR B 184 -7.72 23.72 13.99
C THR B 184 -6.85 24.94 13.89
N ALA B 185 -7.33 26.00 13.23
CA ALA B 185 -6.53 27.20 13.13
C ALA B 185 -6.19 27.75 14.52
N ARG B 186 -7.13 27.69 15.45
CA ARG B 186 -6.86 28.17 16.81
C ARG B 186 -5.74 27.35 17.44
N ALA B 187 -5.77 26.03 17.30
CA ALA B 187 -4.68 25.25 17.87
C ALA B 187 -3.39 25.68 17.17
N TRP B 188 -3.50 25.85 15.86
CA TRP B 188 -2.38 26.28 15.03
C TRP B 188 -1.72 27.51 15.65
N GLU B 189 -2.53 28.47 16.10
CA GLU B 189 -1.99 29.71 16.69
C GLU B 189 -1.53 29.68 18.13
N ARG B 190 -1.93 28.64 18.86
CA ARG B 190 -1.54 28.52 20.26
C ARG B 190 -0.12 28.01 20.42
N HIS B 191 0.54 27.72 19.31
CA HIS B 191 1.91 27.24 19.33
C HIS B 191 2.71 28.06 18.32
N SER B 192 4.04 28.04 18.45
CA SER B 192 4.87 28.77 17.51
C SER B 192 5.70 27.80 16.69
N SER B 193 6.51 26.99 17.38
CA SER B 193 7.39 26.01 16.73
C SER B 193 6.76 24.66 16.39
N TYR B 194 7.03 24.20 15.16
CA TYR B 194 6.55 22.90 14.68
C TYR B 194 7.68 22.13 14.01
N SER B 195 7.79 20.84 14.32
CA SER B 195 8.83 20.01 13.73
C SER B 195 8.38 18.63 13.24
N CYS B 196 8.96 18.21 12.11
CA CYS B 196 8.71 16.88 11.55
C CYS B 196 10.08 16.22 11.66
N GLN B 197 10.13 15.13 12.41
CA GLN B 197 11.37 14.42 12.65
C GLN B 197 11.29 13.04 12.01
N VAL B 198 12.24 12.73 11.14
CA VAL B 198 12.25 11.45 10.42
C VAL B 198 13.47 10.63 10.80
N THR B 199 13.23 9.42 11.27
CA THR B 199 14.33 8.53 11.65
C THR B 199 14.44 7.42 10.62
N HIS B 200 15.65 7.23 10.14
CA HIS B 200 15.95 6.23 9.11
C HIS B 200 17.27 5.54 9.41
N GLU B 201 17.20 4.22 9.56
CA GLU B 201 18.36 3.39 9.86
C GLU B 201 19.17 3.95 11.03
N GLY B 202 18.47 4.41 12.05
CA GLY B 202 19.16 4.93 13.21
C GLY B 202 19.56 6.39 13.19
N HIS B 203 19.49 7.04 12.03
CA HIS B 203 19.86 8.46 11.93
C HIS B 203 18.61 9.33 11.89
N THR B 204 18.65 10.49 12.54
CA THR B 204 17.50 11.38 12.59
C THR B 204 17.68 12.76 11.97
N VAL B 205 16.78 13.06 11.03
CA VAL B 205 16.76 14.32 10.32
C VAL B 205 15.45 15.02 10.66
N GLU B 206 15.51 16.29 11.06
CA GLU B 206 14.25 17.00 11.30
C GLU B 206 14.22 18.34 10.58
N LYS B 207 13.00 18.77 10.28
N LYS B 207 13.00 18.77 10.28
CA LYS B 207 12.76 20.05 9.64
CA LYS B 207 12.74 20.05 9.62
C LYS B 207 11.78 20.79 10.53
C LYS B 207 11.76 20.80 10.52
N SER B 208 11.99 22.10 10.66
CA SER B 208 11.13 22.90 11.49
C SER B 208 10.71 24.21 10.88
N LEU B 209 9.69 24.80 11.47
CA LEU B 209 9.18 26.08 11.04
C LEU B 209 8.62 26.79 12.26
N SER B 210 8.36 28.08 12.13
CA SER B 210 7.82 28.88 13.22
C SER B 210 6.63 29.69 12.73
N ARG B 211 5.50 29.52 13.40
CA ARG B 211 4.31 30.25 13.05
C ARG B 211 4.61 31.74 13.23
N ALA B 212 5.43 32.08 14.11
C1 GOL C . -4.33 -25.85 -2.03
O1 GOL C . -3.94 -25.57 -0.49
C2 GOL C . -4.98 -26.99 -2.50
O2 GOL C . -5.13 -27.90 -1.53
C3 GOL C . -5.26 -26.87 -3.68
O3 GOL C . -5.37 -26.24 -5.10
C1 GOL D . 11.94 -30.72 1.27
O1 GOL D . 11.38 -30.22 -0.15
C2 GOL D . 11.18 -30.78 2.42
O2 GOL D . 9.88 -30.59 2.17
C3 GOL D . 11.89 -31.00 3.38
O3 GOL D . 13.19 -31.27 4.19
C1 GOL E . -13.58 -30.80 4.12
O1 GOL E . -12.50 -32.00 3.97
C2 GOL E . -14.35 -30.53 5.26
O2 GOL E . -14.40 -31.58 6.10
C3 GOL E . -14.79 -29.42 5.19
O3 GOL E . -15.09 -27.98 4.64
MG MG F . -7.68 -31.27 -4.06
#